data_6EJP
#
_entry.id   6EJP
#
_cell.length_a   53.740
_cell.length_b   69.650
_cell.length_c   242.670
_cell.angle_alpha   90.00
_cell.angle_beta   90.00
_cell.angle_gamma   90.00
#
_symmetry.space_group_name_H-M   'I 21 21 21'
#
loop_
_entity.id
_entity.type
_entity.pdbx_description
1 polymer 'Yop proteins translocation protein U'
2 polymer 'Yop proteins translocation protein U'
3 non-polymer 'PHOSPHATE ION'
4 non-polymer 'CHLORIDE ION'
5 non-polymer 'methyl 2-(5-methyl-2-phenyl-1,3-thiazol-4-yl)ethanoate'
6 non-polymer 'SODIUM ION'
7 water water
#
loop_
_entity_poly.entity_id
_entity_poly.type
_entity_poly.pdbx_seq_one_letter_code
_entity_poly.pdbx_strand_id
1 'polypeptide(L)' GPLGSIKELKMSKDEIKREYKEMEGSPEIKSKRRQFHQEIQSRNMRENVKRSSVVVAN A,B
2 'polypeptide(L)'
;PTHIAIGILYKRGETPLPLVTFKYTDAQVQTVRKIAEEEGVPILQRIPLARALYWDALVDHYIPAEQIEATAEVLRWLER
QNIEKQHSEML
;
C,D
#
# COMPACT_ATOMS: atom_id res chain seq x y z
N ILE A 6 61.24 26.92 -51.88
CA ILE A 6 61.25 27.66 -50.61
C ILE A 6 61.19 26.67 -49.41
N LYS A 7 61.68 27.15 -48.23
CA LYS A 7 61.70 26.41 -46.97
C LYS A 7 60.25 26.10 -46.57
N GLU A 8 59.96 24.83 -46.25
CA GLU A 8 58.61 24.37 -45.90
C GLU A 8 58.21 24.83 -44.52
N LEU A 9 57.04 25.51 -44.44
CA LEU A 9 56.43 25.97 -43.19
C LEU A 9 56.18 24.77 -42.30
N LYS A 10 56.26 24.93 -40.99
CA LYS A 10 55.99 23.80 -40.11
C LYS A 10 55.41 24.27 -38.80
N MET A 11 54.20 23.79 -38.49
CA MET A 11 53.57 24.11 -37.22
C MET A 11 54.10 23.18 -36.18
N SER A 12 54.74 23.76 -35.16
CA SER A 12 55.26 23.00 -34.01
C SER A 12 54.08 22.45 -33.21
N LYS A 13 54.29 21.42 -32.39
CA LYS A 13 53.26 20.86 -31.51
C LYS A 13 52.69 21.97 -30.60
N ASP A 14 53.56 22.89 -30.15
CA ASP A 14 53.24 24.01 -29.26
C ASP A 14 52.34 25.04 -29.93
N GLU A 15 52.63 25.38 -31.21
CA GLU A 15 51.82 26.33 -31.99
C GLU A 15 50.40 25.81 -32.17
N ILE A 16 50.26 24.49 -32.45
CA ILE A 16 49.00 23.78 -32.64
C ILE A 16 48.15 23.87 -31.35
N LYS A 17 48.76 23.65 -30.17
CA LYS A 17 48.08 23.75 -28.87
C LYS A 17 47.60 25.18 -28.59
N ARG A 18 48.46 26.18 -28.89
CA ARG A 18 48.18 27.60 -28.68
C ARG A 18 47.02 28.09 -29.56
N GLU A 19 47.05 27.75 -30.88
CA GLU A 19 46.00 28.08 -31.85
C GLU A 19 44.66 27.47 -31.38
N TYR A 20 44.67 26.18 -30.97
CA TYR A 20 43.49 25.50 -30.46
C TYR A 20 42.93 26.14 -29.16
N LYS A 21 43.80 26.53 -28.18
CA LYS A 21 43.36 27.19 -26.92
C LYS A 21 42.69 28.53 -27.24
N GLU A 22 43.27 29.26 -28.22
CA GLU A 22 42.73 30.53 -28.71
C GLU A 22 41.33 30.31 -29.28
N MET A 23 41.15 29.25 -30.10
CA MET A 23 39.87 28.86 -30.68
C MET A 23 38.83 28.53 -29.58
N GLU A 24 39.25 27.82 -28.49
CA GLU A 24 38.38 27.48 -27.35
C GLU A 24 37.90 28.71 -26.58
N GLY A 25 38.66 29.82 -26.69
CA GLY A 25 38.33 31.11 -26.10
C GLY A 25 37.32 31.91 -26.91
N SER A 26 37.06 31.50 -28.19
CA SER A 26 36.08 32.11 -29.11
C SER A 26 34.65 32.10 -28.52
N PRO A 27 33.95 33.25 -28.58
CA PRO A 27 32.57 33.32 -28.01
C PRO A 27 31.58 32.34 -28.66
N GLU A 28 31.63 32.19 -30.01
CA GLU A 28 30.81 31.28 -30.80
C GLU A 28 31.05 29.83 -30.39
N ILE A 29 32.32 29.44 -30.23
CA ILE A 29 32.74 28.10 -29.82
C ILE A 29 32.29 27.80 -28.34
N LYS A 30 32.40 28.78 -27.43
CA LYS A 30 31.94 28.60 -26.03
C LYS A 30 30.42 28.39 -25.99
N SER A 31 29.70 29.15 -26.83
CA SER A 31 28.25 29.12 -26.98
C SER A 31 27.75 27.74 -27.47
N LYS A 32 28.47 27.12 -28.41
CA LYS A 32 28.13 25.81 -28.97
C LYS A 32 28.29 24.69 -27.91
N ARG A 33 29.34 24.79 -27.04
CA ARG A 33 29.60 23.88 -25.92
C ARG A 33 28.41 23.92 -24.94
N ARG A 34 27.98 25.13 -24.58
CA ARG A 34 26.85 25.37 -23.68
C ARG A 34 25.55 24.81 -24.29
N GLN A 35 25.32 25.08 -25.57
CA GLN A 35 24.19 24.57 -26.35
C GLN A 35 24.14 23.01 -26.32
N PHE A 36 25.29 22.36 -26.43
CA PHE A 36 25.43 20.89 -26.40
C PHE A 36 25.08 20.35 -25.00
N HIS A 37 25.56 21.02 -23.96
CA HIS A 37 25.27 20.65 -22.57
C HIS A 37 23.74 20.76 -22.32
N GLN A 38 23.10 21.83 -22.78
CA GLN A 38 21.65 22.07 -22.70
C GLN A 38 20.83 20.94 -23.38
N GLU A 39 21.31 20.45 -24.53
CA GLU A 39 20.65 19.35 -25.26
C GLU A 39 20.72 18.02 -24.52
N ILE A 40 21.82 17.78 -23.80
CA ILE A 40 21.98 16.57 -22.98
C ILE A 40 21.04 16.67 -21.75
N GLN A 41 20.90 17.89 -21.17
CA GLN A 41 20.03 18.16 -20.02
C GLN A 41 18.59 17.99 -20.42
N SER A 42 18.20 18.50 -21.61
CA SER A 42 16.85 18.27 -22.15
C SER A 42 16.55 16.77 -22.35
N ARG A 43 17.50 16.01 -22.90
CA ARG A 43 17.34 14.57 -23.14
C ARG A 43 17.14 13.83 -21.85
N ASN A 44 17.95 14.16 -20.83
CA ASN A 44 17.92 13.61 -19.47
C ASN A 44 16.64 13.96 -18.80
N MET A 45 16.16 15.21 -18.94
CA MET A 45 14.86 15.63 -18.42
C MET A 45 13.72 14.73 -18.96
N ARG A 46 13.63 14.50 -20.32
CA ARG A 46 12.62 13.60 -20.90
C ARG A 46 12.68 12.15 -20.33
N GLU A 47 13.90 11.64 -20.12
CA GLU A 47 14.09 10.28 -19.58
C GLU A 47 13.66 10.20 -18.09
N ASN A 48 13.94 11.24 -17.33
CA ASN A 48 13.61 11.36 -15.92
C ASN A 48 12.09 11.34 -15.73
N VAL A 49 11.40 12.10 -16.58
CA VAL A 49 9.93 12.18 -16.58
C VAL A 49 9.32 10.80 -16.98
N LYS A 50 9.86 10.14 -18.03
CA LYS A 50 9.35 8.82 -18.49
C LYS A 50 9.50 7.69 -17.46
N ARG A 51 10.45 7.83 -16.58
CA ARG A 51 10.78 6.89 -15.51
C ARG A 51 9.91 7.12 -14.25
N SER A 52 9.10 8.20 -14.25
CA SER A 52 8.29 8.61 -13.10
C SER A 52 6.84 8.13 -13.18
N SER A 53 6.25 7.90 -12.00
CA SER A 53 4.84 7.58 -11.77
C SER A 53 4.00 8.86 -11.66
N VAL A 54 4.55 9.89 -11.02
CA VAL A 54 3.88 11.17 -10.77
C VAL A 54 4.95 12.28 -10.59
N VAL A 55 4.55 13.53 -10.79
CA VAL A 55 5.33 14.74 -10.55
C VAL A 55 4.60 15.57 -9.49
N VAL A 56 5.28 15.96 -8.39
CA VAL A 56 4.67 16.85 -7.40
C VAL A 56 5.31 18.23 -7.60
N ALA A 57 4.45 19.23 -7.74
CA ALA A 57 4.83 20.61 -7.98
C ALA A 57 4.21 21.48 -6.95
N ASN A 58 4.79 22.69 -6.77
CA ASN A 58 4.30 23.79 -5.92
C ASN A 58 3.48 24.75 -6.85
N PRO B 1 14.18 28.47 -4.28
CA PRO B 1 13.55 28.51 -5.61
C PRO B 1 12.17 29.20 -5.59
N THR B 2 11.58 29.39 -6.77
CA THR B 2 10.23 29.92 -6.94
C THR B 2 9.34 28.74 -7.30
N HIS B 3 9.67 28.04 -8.39
CA HIS B 3 8.99 26.83 -8.89
C HIS B 3 9.79 25.58 -8.54
N ILE B 4 9.07 24.50 -8.22
CA ILE B 4 9.57 23.16 -7.83
C ILE B 4 8.76 22.09 -8.57
N ALA B 5 9.43 21.06 -9.07
CA ALA B 5 8.87 19.86 -9.69
C ALA B 5 9.77 18.70 -9.27
N ILE B 6 9.17 17.67 -8.65
CA ILE B 6 9.89 16.50 -8.14
C ILE B 6 9.20 15.25 -8.64
N GLY B 7 9.98 14.38 -9.28
CA GLY B 7 9.49 13.12 -9.80
C GLY B 7 9.54 12.02 -8.77
N ILE B 8 8.47 11.21 -8.71
CA ILE B 8 8.39 10.09 -7.79
C ILE B 8 8.04 8.84 -8.60
N LEU B 9 8.76 7.72 -8.34
CA LEU B 9 8.49 6.43 -8.93
C LEU B 9 8.04 5.44 -7.86
N TYR B 10 6.91 4.80 -8.09
CA TYR B 10 6.44 3.71 -7.22
C TYR B 10 5.59 2.74 -8.04
N LYS B 11 6.11 1.52 -8.21
CA LYS B 11 5.46 0.38 -8.87
C LYS B 11 5.50 -0.79 -7.89
N ARG B 12 4.32 -1.21 -7.42
CA ARG B 12 4.14 -2.29 -6.48
C ARG B 12 4.70 -3.59 -7.04
N GLY B 13 5.55 -4.25 -6.26
CA GLY B 13 6.22 -5.48 -6.70
C GLY B 13 7.52 -5.25 -7.44
N GLU B 14 7.88 -3.97 -7.65
CA GLU B 14 9.11 -3.57 -8.31
C GLU B 14 9.91 -2.75 -7.33
N THR B 15 9.36 -1.60 -6.91
CA THR B 15 10.02 -0.71 -5.96
C THR B 15 9.48 -1.03 -4.57
N PRO B 16 10.34 -1.51 -3.63
CA PRO B 16 9.83 -1.78 -2.25
C PRO B 16 9.37 -0.48 -1.59
N LEU B 17 10.11 0.61 -1.84
CA LEU B 17 9.70 1.90 -1.34
C LEU B 17 9.69 2.89 -2.52
N PRO B 18 8.95 4.03 -2.45
CA PRO B 18 8.98 5.00 -3.57
C PRO B 18 10.36 5.68 -3.71
N LEU B 19 10.71 5.94 -4.98
CA LEU B 19 12.00 6.55 -5.34
C LEU B 19 11.82 7.93 -5.93
N VAL B 20 12.72 8.84 -5.58
CA VAL B 20 12.83 10.20 -6.14
C VAL B 20 13.56 10.04 -7.49
N THR B 21 12.94 10.49 -8.59
CA THR B 21 13.54 10.33 -9.93
C THR B 21 14.17 11.60 -10.47
N PHE B 22 13.73 12.78 -10.02
CA PHE B 22 14.27 14.06 -10.45
C PHE B 22 13.87 15.18 -9.52
N LYS B 23 14.61 16.31 -9.60
CA LYS B 23 14.35 17.55 -8.85
C LYS B 23 14.65 18.72 -9.74
N TYR B 24 13.62 19.49 -10.13
CA TYR B 24 13.84 20.69 -10.94
C TYR B 24 13.27 21.90 -10.27
N THR B 25 13.84 23.05 -10.58
CA THR B 25 13.42 24.32 -10.01
C THR B 25 13.33 25.36 -11.09
N ASP B 26 12.54 26.38 -10.84
CA ASP B 26 12.37 27.63 -11.60
C ASP B 26 12.11 27.44 -13.11
N ALA B 27 13.05 27.86 -13.99
CA ALA B 27 12.91 27.85 -15.46
C ALA B 27 12.61 26.44 -16.03
N GLN B 28 13.23 25.43 -15.44
CA GLN B 28 13.09 24.04 -15.86
C GLN B 28 11.70 23.46 -15.53
N VAL B 29 10.93 24.09 -14.63
CA VAL B 29 9.64 23.53 -14.24
C VAL B 29 8.61 23.61 -15.38
N GLN B 30 8.60 24.67 -16.22
CA GLN B 30 7.64 24.75 -17.32
C GLN B 30 7.93 23.65 -18.36
N THR B 31 9.23 23.33 -18.56
CA THR B 31 9.70 22.30 -19.48
C THR B 31 9.28 20.91 -18.95
N VAL B 32 9.49 20.64 -17.67
CA VAL B 32 9.09 19.40 -16.99
C VAL B 32 7.59 19.18 -17.21
N ARG B 33 6.78 20.24 -16.95
CA ARG B 33 5.31 20.27 -17.10
C ARG B 33 4.90 19.85 -18.51
N LYS B 34 5.51 20.43 -19.57
CA LYS B 34 5.23 20.09 -20.97
C LYS B 34 5.53 18.61 -21.26
N ILE B 35 6.74 18.14 -20.91
CA ILE B 35 7.15 16.75 -21.12
C ILE B 35 6.21 15.78 -20.36
N ALA B 36 5.83 16.09 -19.10
CA ALA B 36 4.95 15.24 -18.32
C ALA B 36 3.58 15.09 -19.00
N GLU B 37 3.02 16.19 -19.55
CA GLU B 37 1.74 16.21 -20.29
C GLU B 37 1.86 15.33 -21.55
N GLU B 38 2.93 15.54 -22.34
CA GLU B 38 3.27 14.77 -23.55
C GLU B 38 3.44 13.29 -23.28
N GLU B 39 4.05 12.91 -22.13
CA GLU B 39 4.36 11.52 -21.78
C GLU B 39 3.26 10.81 -20.97
N GLY B 40 2.18 11.52 -20.65
CA GLY B 40 1.05 10.98 -19.89
C GLY B 40 1.37 10.70 -18.44
N VAL B 41 2.31 11.47 -17.86
CA VAL B 41 2.73 11.36 -16.46
C VAL B 41 1.94 12.42 -15.67
N PRO B 42 1.17 12.00 -14.64
CA PRO B 42 0.38 12.98 -13.87
C PRO B 42 1.24 13.96 -13.08
N ILE B 43 0.83 15.24 -13.07
CA ILE B 43 1.49 16.32 -12.33
C ILE B 43 0.46 16.91 -11.38
N LEU B 44 0.74 16.73 -10.09
CA LEU B 44 -0.09 17.15 -8.98
C LEU B 44 0.53 18.26 -8.18
N GLN B 45 -0.28 19.27 -7.84
CA GLN B 45 0.13 20.40 -7.02
C GLN B 45 -0.07 20.01 -5.54
N ARG B 46 1.04 19.91 -4.82
CA ARG B 46 1.11 19.58 -3.40
C ARG B 46 2.21 20.48 -2.83
N ILE B 47 1.88 21.75 -2.61
CA ILE B 47 2.83 22.78 -2.19
C ILE B 47 3.61 22.35 -0.91
N PRO B 48 2.99 21.94 0.22
CA PRO B 48 3.83 21.56 1.39
C PRO B 48 4.83 20.44 1.09
N LEU B 49 4.39 19.37 0.41
CA LEU B 49 5.19 18.18 0.09
C LEU B 49 6.32 18.51 -0.93
N ALA B 50 6.01 19.25 -2.02
CA ALA B 50 7.02 19.67 -3.00
C ALA B 50 8.14 20.46 -2.31
N ARG B 51 7.78 21.38 -1.38
CA ARG B 51 8.69 22.24 -0.59
C ARG B 51 9.58 21.40 0.33
N ALA B 52 9.00 20.41 0.98
CA ALA B 52 9.66 19.47 1.91
C ALA B 52 10.66 18.54 1.18
N LEU B 53 10.24 17.99 0.04
CA LEU B 53 11.08 17.14 -0.82
C LEU B 53 12.21 17.95 -1.44
N TYR B 54 11.96 19.23 -1.74
CA TYR B 54 13.00 20.14 -2.24
C TYR B 54 14.19 20.14 -1.24
N TRP B 55 13.92 20.37 0.05
CA TRP B 55 14.99 20.43 1.05
C TRP B 55 15.72 19.13 1.30
N ASP B 56 14.98 18.01 1.43
CA ASP B 56 15.44 16.72 1.94
C ASP B 56 15.74 15.63 0.93
N ALA B 57 14.95 15.52 -0.14
CA ALA B 57 15.03 14.44 -1.10
C ALA B 57 16.34 14.46 -1.94
N LEU B 58 16.88 13.26 -2.17
CA LEU B 58 18.06 13.00 -2.98
C LEU B 58 17.63 12.16 -4.15
N VAL B 59 17.96 12.59 -5.36
CA VAL B 59 17.62 11.89 -6.60
C VAL B 59 18.24 10.46 -6.60
N ASP B 60 17.41 9.48 -7.01
CA ASP B 60 17.66 8.04 -7.11
C ASP B 60 17.79 7.40 -5.72
N HIS B 61 17.25 8.07 -4.69
CA HIS B 61 17.17 7.56 -3.30
C HIS B 61 15.70 7.40 -2.97
N TYR B 62 15.39 6.71 -1.90
CA TYR B 62 14.02 6.53 -1.52
C TYR B 62 13.49 7.81 -0.94
N ILE B 63 12.19 8.02 -1.08
CA ILE B 63 11.55 9.11 -0.40
C ILE B 63 11.93 9.08 1.07
N PRO B 64 12.29 10.31 1.64
CA PRO B 64 12.67 10.23 3.05
C PRO B 64 11.49 9.98 3.98
N ALA B 65 11.77 9.42 5.14
CA ALA B 65 10.74 9.06 6.09
C ALA B 65 9.92 10.23 6.52
N GLU B 66 10.55 11.38 6.62
CA GLU B 66 9.88 12.64 6.97
C GLU B 66 8.79 13.03 5.99
N GLN B 67 8.79 12.44 4.75
CA GLN B 67 7.75 12.78 3.77
C GLN B 67 6.93 11.57 3.32
N ILE B 68 7.22 10.35 3.83
CA ILE B 68 6.51 9.16 3.38
C ILE B 68 4.98 9.23 3.66
N GLU B 69 4.52 9.81 4.79
CA GLU B 69 3.09 9.86 5.04
C GLU B 69 2.38 10.70 3.98
N ALA B 70 2.91 11.92 3.72
CA ALA B 70 2.37 12.84 2.72
C ALA B 70 2.45 12.27 1.29
N THR B 71 3.53 11.47 1.00
CA THR B 71 3.77 10.83 -0.30
C THR B 71 2.74 9.72 -0.52
N ALA B 72 2.45 8.91 0.54
CA ALA B 72 1.51 7.79 0.49
C ALA B 72 0.10 8.27 0.15
N GLU B 73 -0.27 9.52 0.54
CA GLU B 73 -1.58 10.08 0.18
C GLU B 73 -1.65 10.30 -1.36
N VAL B 74 -0.56 10.87 -1.94
CA VAL B 74 -0.41 11.16 -3.36
C VAL B 74 -0.44 9.84 -4.13
N LEU B 75 0.28 8.83 -3.63
CA LEU B 75 0.30 7.53 -4.25
C LEU B 75 -1.06 6.84 -4.19
N ARG B 76 -1.82 6.99 -3.08
CA ARG B 76 -3.13 6.34 -2.98
C ARG B 76 -4.15 7.07 -3.91
N TRP B 77 -3.99 8.38 -4.08
CA TRP B 77 -4.77 9.22 -5.00
C TRP B 77 -4.54 8.77 -6.46
N LEU B 78 -3.28 8.57 -6.81
CA LEU B 78 -2.85 8.18 -8.16
C LEU B 78 -3.39 6.80 -8.49
N GLU B 79 -3.36 5.86 -7.53
CA GLU B 79 -3.91 4.51 -7.72
C GLU B 79 -5.47 4.57 -7.92
N ARG B 80 -6.17 5.39 -7.10
CA ARG B 80 -7.62 5.57 -7.22
C ARG B 80 -7.98 6.18 -8.62
N GLN B 81 -7.21 7.19 -9.09
CA GLN B 81 -7.43 7.82 -10.39
C GLN B 81 -7.24 6.78 -11.51
N ASN B 82 -6.17 5.93 -11.41
CA ASN B 82 -5.86 4.89 -12.38
C ASN B 82 -6.98 3.86 -12.53
N ILE B 83 -7.45 3.28 -11.38
CA ILE B 83 -8.51 2.27 -11.34
C ILE B 83 -9.83 2.88 -11.89
N GLU B 84 -10.15 4.16 -11.53
CA GLU B 84 -11.36 4.88 -11.97
C GLU B 84 -11.32 5.22 -13.46
N LYS B 85 -10.14 5.61 -14.00
CA LYS B 85 -9.94 5.94 -15.41
C LYS B 85 -10.19 4.71 -16.30
N GLN B 86 -10.01 3.49 -15.76
CA GLN B 86 -10.28 2.22 -16.46
C GLN B 86 -11.80 1.99 -16.72
N HIS B 87 -12.65 2.92 -16.25
CA HIS B 87 -14.09 2.93 -16.42
C HIS B 87 -14.48 4.10 -17.34
N GLU C 8 -33.66 -34.44 63.55
CA GLU C 8 -32.92 -35.70 63.52
C GLU C 8 -32.50 -36.06 62.08
N LEU C 9 -33.27 -35.64 61.05
CA LEU C 9 -32.92 -35.81 59.62
C LEU C 9 -31.62 -35.11 59.36
N LYS C 10 -30.76 -35.66 58.50
CA LYS C 10 -29.50 -34.97 58.18
C LYS C 10 -28.98 -35.49 56.87
N MET C 11 -28.82 -34.59 55.91
CA MET C 11 -28.27 -34.95 54.63
C MET C 11 -26.77 -35.04 54.75
N SER C 12 -26.25 -36.23 54.44
CA SER C 12 -24.80 -36.48 54.40
C SER C 12 -24.20 -35.70 53.24
N LYS C 13 -22.89 -35.44 53.26
CA LYS C 13 -22.19 -34.75 52.17
C LYS C 13 -22.37 -35.52 50.87
N ASP C 14 -22.41 -36.85 50.95
CA ASP C 14 -22.57 -37.77 49.82
C ASP C 14 -23.98 -37.69 49.19
N GLU C 15 -25.03 -37.61 50.02
CA GLU C 15 -26.41 -37.47 49.56
C GLU C 15 -26.60 -36.16 48.78
N ILE C 16 -25.99 -35.07 49.29
CA ILE C 16 -26.01 -33.73 48.70
C ILE C 16 -25.38 -33.76 47.30
N LYS C 17 -24.23 -34.43 47.15
CA LYS C 17 -23.53 -34.56 45.86
C LYS C 17 -24.37 -35.36 44.86
N ARG C 18 -25.01 -36.45 45.32
CA ARG C 18 -25.83 -37.34 44.51
C ARG C 18 -27.08 -36.61 43.99
N GLU C 19 -27.79 -35.90 44.89
CA GLU C 19 -28.99 -35.09 44.57
C GLU C 19 -28.63 -34.03 43.53
N TYR C 20 -27.51 -33.31 43.74
CA TYR C 20 -27.01 -32.31 42.80
C TYR C 20 -26.65 -32.92 41.40
N LYS C 21 -25.97 -34.10 41.34
CA LYS C 21 -25.61 -34.77 40.06
C LYS C 21 -26.89 -35.16 39.32
N GLU C 22 -27.92 -35.63 40.07
CA GLU C 22 -29.22 -35.99 39.52
C GLU C 22 -29.87 -34.77 38.90
N MET C 23 -29.83 -33.61 39.60
CA MET C 23 -30.35 -32.32 39.11
C MET C 23 -29.66 -31.90 37.82
N GLU C 24 -28.30 -32.06 37.74
CA GLU C 24 -27.49 -31.74 36.55
C GLU C 24 -27.85 -32.61 35.36
N GLY C 25 -28.40 -33.79 35.62
CA GLY C 25 -28.84 -34.73 34.60
C GLY C 25 -30.21 -34.38 34.02
N SER C 26 -30.96 -33.44 34.67
CA SER C 26 -32.29 -32.96 34.23
C SER C 26 -32.21 -32.29 32.84
N PRO C 27 -33.14 -32.68 31.93
CA PRO C 27 -33.11 -32.13 30.55
C PRO C 27 -33.22 -30.61 30.49
N GLU C 28 -34.11 -30.02 31.32
CA GLU C 28 -34.35 -28.56 31.42
C GLU C 28 -33.09 -27.83 31.88
N ILE C 29 -32.43 -28.37 32.92
CA ILE C 29 -31.20 -27.83 33.49
C ILE C 29 -30.02 -27.92 32.44
N LYS C 30 -29.91 -29.05 31.70
CA LYS C 30 -28.85 -29.21 30.68
C LYS C 30 -29.04 -28.20 29.57
N SER C 31 -30.31 -28.00 29.16
CA SER C 31 -30.74 -27.09 28.12
C SER C 31 -30.35 -25.64 28.44
N LYS C 32 -30.51 -25.21 29.70
CA LYS C 32 -30.22 -23.85 30.14
C LYS C 32 -28.71 -23.56 30.12
N ARG C 33 -27.90 -24.56 30.51
CA ARG C 33 -26.43 -24.51 30.49
C ARG C 33 -25.94 -24.29 29.04
N ARG C 34 -26.46 -25.11 28.12
CA ARG C 34 -26.13 -25.06 26.71
C ARG C 34 -26.54 -23.71 26.12
N GLN C 35 -27.76 -23.24 26.44
CA GLN C 35 -28.31 -21.97 26.00
C GLN C 35 -27.34 -20.82 26.38
N PHE C 36 -26.80 -20.86 27.60
CA PHE C 36 -25.93 -19.85 28.15
C PHE C 36 -24.59 -19.85 27.40
N HIS C 37 -24.03 -21.04 27.16
CA HIS C 37 -22.78 -21.21 26.46
C HIS C 37 -22.91 -20.66 25.02
N GLN C 38 -24.01 -21.04 24.31
CA GLN C 38 -24.34 -20.58 22.96
C GLN C 38 -24.41 -19.07 22.86
N GLU C 39 -25.01 -18.41 23.86
CA GLU C 39 -25.13 -16.96 23.86
C GLU C 39 -23.79 -16.27 24.00
N ILE C 40 -22.87 -16.83 24.80
CA ILE C 40 -21.55 -16.26 24.97
C ILE C 40 -20.74 -16.44 23.67
N GLN C 41 -20.86 -17.60 23.03
CA GLN C 41 -20.18 -17.92 21.79
C GLN C 41 -20.68 -17.03 20.69
N SER C 42 -22.02 -16.86 20.54
CA SER C 42 -22.61 -15.93 19.57
C SER C 42 -22.12 -14.52 19.78
N ARG C 43 -22.08 -14.01 21.04
CA ARG C 43 -21.64 -12.68 21.38
C ARG C 43 -20.21 -12.49 20.93
N ASN C 44 -19.31 -13.44 21.27
CA ASN C 44 -17.89 -13.43 20.92
C ASN C 44 -17.67 -13.51 19.45
N MET C 45 -18.41 -14.40 18.78
CA MET C 45 -18.34 -14.55 17.35
C MET C 45 -18.74 -13.23 16.64
N ARG C 46 -19.85 -12.58 17.06
CA ARG C 46 -20.34 -11.28 16.55
C ARG C 46 -19.31 -10.18 16.76
N GLU C 47 -18.62 -10.12 17.90
CA GLU C 47 -17.58 -9.12 18.16
C GLU C 47 -16.34 -9.34 17.27
N ASN C 48 -15.96 -10.61 17.04
CA ASN C 48 -14.82 -10.99 16.22
C ASN C 48 -15.06 -10.57 14.77
N VAL C 49 -16.29 -10.82 14.27
CA VAL C 49 -16.74 -10.47 12.92
C VAL C 49 -16.77 -8.92 12.77
N LYS C 50 -17.32 -8.18 13.76
CA LYS C 50 -17.41 -6.70 13.70
C LYS C 50 -16.04 -6.00 13.69
N ARG C 51 -15.04 -6.64 14.27
CA ARG C 51 -13.65 -6.17 14.38
C ARG C 51 -12.86 -6.48 13.08
N SER C 52 -13.45 -7.25 12.13
CA SER C 52 -12.82 -7.67 10.89
C SER C 52 -13.14 -6.80 9.70
N SER C 53 -12.18 -6.74 8.76
CA SER C 53 -12.28 -6.07 7.47
C SER C 53 -12.90 -7.03 6.44
N VAL C 54 -12.52 -8.31 6.51
CA VAL C 54 -12.92 -9.36 5.57
C VAL C 54 -12.81 -10.72 6.26
N VAL C 55 -13.54 -11.70 5.72
CA VAL C 55 -13.51 -13.12 6.11
C VAL C 55 -13.07 -13.93 4.89
N VAL C 56 -12.04 -14.77 5.04
CA VAL C 56 -11.63 -15.66 3.94
C VAL C 56 -12.06 -17.08 4.35
N ALA C 57 -12.75 -17.72 3.42
CA ALA C 57 -13.30 -19.05 3.57
C ALA C 57 -12.81 -19.94 2.45
N ASN C 58 -12.89 -21.26 2.67
CA ASN C 58 -12.57 -22.32 1.70
C ASN C 58 -13.87 -22.84 1.05
N PRO D 1 -10.02 -29.99 9.15
CA PRO D 1 -11.40 -29.50 9.05
C PRO D 1 -11.99 -29.71 7.66
N THR D 2 -13.29 -29.40 7.50
CA THR D 2 -14.00 -29.45 6.23
C THR D 2 -14.16 -27.98 5.78
N HIS D 3 -14.80 -27.14 6.63
CA HIS D 3 -15.02 -25.71 6.43
C HIS D 3 -14.07 -24.90 7.29
N ILE D 4 -13.58 -23.76 6.73
CA ILE D 4 -12.67 -22.78 7.34
C ILE D 4 -13.19 -21.39 7.08
N ALA D 5 -13.12 -20.51 8.08
CA ALA D 5 -13.45 -19.09 8.04
C ALA D 5 -12.43 -18.36 8.94
N ILE D 6 -11.70 -17.40 8.37
CA ILE D 6 -10.64 -16.69 9.08
C ILE D 6 -10.85 -15.18 8.86
N GLY D 7 -10.91 -14.46 9.96
CA GLY D 7 -11.09 -13.02 9.95
C GLY D 7 -9.78 -12.29 9.86
N ILE D 8 -9.76 -11.23 8.99
CA ILE D 8 -8.56 -10.42 8.79
C ILE D 8 -8.96 -8.96 9.02
N LEU D 9 -8.13 -8.23 9.77
CA LEU D 9 -8.30 -6.80 9.99
C LEU D 9 -7.16 -6.02 9.41
N TYR D 10 -7.47 -5.01 8.58
CA TYR D 10 -6.46 -4.07 8.10
C TYR D 10 -7.11 -2.70 7.89
N LYS D 11 -6.69 -1.74 8.74
CA LYS D 11 -7.06 -0.32 8.71
C LYS D 11 -5.77 0.49 8.71
N ARG D 12 -5.52 1.20 7.62
CA ARG D 12 -4.35 2.05 7.43
C ARG D 12 -4.30 3.12 8.52
N GLY D 13 -3.14 3.23 9.17
CA GLY D 13 -2.93 4.17 10.25
C GLY D 13 -3.31 3.64 11.60
N GLU D 14 -3.82 2.41 11.64
CA GLU D 14 -4.21 1.73 12.88
C GLU D 14 -3.37 0.47 12.98
N THR D 15 -3.51 -0.41 11.98
CA THR D 15 -2.76 -1.65 11.93
C THR D 15 -1.57 -1.46 10.98
N PRO D 16 -0.31 -1.53 11.47
CA PRO D 16 0.84 -1.45 10.54
C PRO D 16 0.82 -2.60 9.55
N LEU D 17 0.48 -3.78 10.05
CA LEU D 17 0.34 -4.95 9.18
C LEU D 17 -1.06 -5.55 9.40
N PRO D 18 -1.62 -6.35 8.47
CA PRO D 18 -2.93 -6.98 8.72
C PRO D 18 -2.87 -8.00 9.88
N LEU D 19 -3.97 -8.05 10.64
CA LEU D 19 -4.11 -8.92 11.82
C LEU D 19 -5.17 -9.99 11.61
N VAL D 20 -4.89 -11.20 12.12
CA VAL D 20 -5.86 -12.32 12.20
C VAL D 20 -6.77 -12.05 13.39
N THR D 21 -8.10 -11.97 13.17
CA THR D 21 -9.06 -11.64 14.24
C THR D 21 -9.81 -12.85 14.80
N PHE D 22 -9.95 -13.93 14.00
CA PHE D 22 -10.64 -15.14 14.41
C PHE D 22 -10.30 -16.27 13.49
N LYS D 23 -10.56 -17.50 13.95
CA LYS D 23 -10.38 -18.76 13.21
C LYS D 23 -11.50 -19.68 13.58
N TYR D 24 -12.38 -20.01 12.62
CA TYR D 24 -13.46 -20.98 12.88
C TYR D 24 -13.40 -22.11 11.84
N THR D 25 -13.89 -23.26 12.23
CA THR D 25 -13.95 -24.45 11.37
C THR D 25 -15.30 -25.09 11.48
N ASP D 26 -15.65 -25.87 10.46
CA ASP D 26 -16.80 -26.75 10.33
C ASP D 26 -18.14 -26.10 10.67
N ALA D 27 -18.82 -26.56 11.76
CA ALA D 27 -20.17 -26.15 12.20
C ALA D 27 -20.28 -24.62 12.42
N GLN D 28 -19.24 -24.01 12.99
CA GLN D 28 -19.21 -22.58 13.27
C GLN D 28 -19.10 -21.71 12.01
N VAL D 29 -18.73 -22.28 10.85
CA VAL D 29 -18.55 -21.48 9.65
C VAL D 29 -19.91 -20.98 9.10
N GLN D 30 -21.02 -21.74 9.19
CA GLN D 30 -22.32 -21.26 8.69
C GLN D 30 -22.81 -20.09 9.55
N THR D 31 -22.52 -20.12 10.87
CA THR D 31 -22.85 -19.08 11.84
C THR D 31 -22.07 -17.79 11.53
N VAL D 32 -20.74 -17.91 11.29
CA VAL D 32 -19.84 -16.82 10.92
C VAL D 32 -20.40 -16.15 9.67
N ARG D 33 -20.77 -16.95 8.64
CA ARG D 33 -21.34 -16.51 7.37
C ARG D 33 -22.58 -15.63 7.58
N LYS D 34 -23.55 -16.09 8.40
CA LYS D 34 -24.77 -15.33 8.73
C LYS D 34 -24.45 -13.98 9.39
N ILE D 35 -23.63 -14.00 10.46
CA ILE D 35 -23.22 -12.79 11.19
C ILE D 35 -22.47 -11.81 10.24
N ALA D 36 -21.55 -12.31 9.39
CA ALA D 36 -20.80 -11.46 8.46
C ALA D 36 -21.75 -10.74 7.49
N GLU D 37 -22.78 -11.45 6.96
CA GLU D 37 -23.83 -10.89 6.07
C GLU D 37 -24.60 -9.80 6.80
N GLU D 38 -25.08 -10.10 8.04
CA GLU D 38 -25.79 -9.18 8.92
C GLU D 38 -24.99 -7.93 9.27
N GLU D 39 -23.65 -8.07 9.47
CA GLU D 39 -22.77 -6.97 9.89
C GLU D 39 -22.13 -6.19 8.71
N GLY D 40 -22.42 -6.61 7.48
CA GLY D 40 -21.87 -5.99 6.27
C GLY D 40 -20.38 -6.19 6.08
N VAL D 41 -19.84 -7.31 6.62
CA VAL D 41 -18.43 -7.69 6.50
C VAL D 41 -18.31 -8.66 5.31
N PRO D 42 -17.46 -8.32 4.31
CA PRO D 42 -17.33 -9.20 3.14
C PRO D 42 -16.73 -10.57 3.49
N ILE D 43 -17.29 -11.65 2.88
CA ILE D 43 -16.79 -13.01 3.01
C ILE D 43 -16.43 -13.51 1.61
N LEU D 44 -15.14 -13.76 1.40
CA LEU D 44 -14.56 -14.19 0.15
C LEU D 44 -14.03 -15.59 0.20
N GLN D 45 -14.28 -16.37 -0.86
CA GLN D 45 -13.75 -17.73 -1.02
C GLN D 45 -12.37 -17.66 -1.65
N ARG D 46 -11.35 -18.08 -0.88
CA ARG D 46 -9.93 -18.11 -1.26
C ARG D 46 -9.36 -19.38 -0.65
N ILE D 47 -9.64 -20.50 -1.30
CA ILE D 47 -9.32 -21.84 -0.81
C ILE D 47 -7.81 -21.98 -0.46
N PRO D 48 -6.82 -21.68 -1.34
CA PRO D 48 -5.41 -21.83 -0.93
C PRO D 48 -5.04 -21.02 0.33
N LEU D 49 -5.44 -19.74 0.38
CA LEU D 49 -5.15 -18.80 1.48
C LEU D 49 -5.84 -19.21 2.80
N ALA D 50 -7.15 -19.55 2.77
CA ALA D 50 -7.88 -20.00 3.96
C ALA D 50 -7.20 -21.24 4.56
N ARG D 51 -6.78 -22.22 3.71
CA ARG D 51 -6.12 -23.47 4.09
C ARG D 51 -4.75 -23.20 4.74
N ALA D 52 -3.99 -22.27 4.18
CA ALA D 52 -2.66 -21.85 4.63
C ALA D 52 -2.73 -21.12 5.97
N LEU D 53 -3.69 -20.20 6.11
CA LEU D 53 -3.94 -19.46 7.35
C LEU D 53 -4.45 -20.40 8.45
N TYR D 54 -5.22 -21.45 8.10
CA TYR D 54 -5.65 -22.46 9.03
C TYR D 54 -4.42 -23.08 9.76
N TRP D 55 -3.42 -23.52 9.00
CA TRP D 55 -2.25 -24.13 9.59
C TRP D 55 -1.37 -23.20 10.42
N ASP D 56 -1.05 -22.00 9.87
CA ASP D 56 -0.04 -21.06 10.32
C ASP D 56 -0.47 -19.88 11.15
N ALA D 57 -1.66 -19.31 10.89
CA ALA D 57 -2.13 -18.11 11.53
C ALA D 57 -2.48 -18.32 13.02
N LEU D 58 -2.12 -17.36 13.82
CA LEU D 58 -2.45 -17.28 15.25
C LEU D 58 -3.32 -16.07 15.47
N VAL D 59 -4.44 -16.23 16.16
CA VAL D 59 -5.40 -15.17 16.43
C VAL D 59 -4.71 -14.03 17.22
N ASP D 60 -4.98 -12.78 16.79
CA ASP D 60 -4.46 -11.52 17.33
C ASP D 60 -2.96 -11.34 17.05
N HIS D 61 -2.46 -12.06 16.04
CA HIS D 61 -1.10 -11.95 15.52
C HIS D 61 -1.19 -11.45 14.07
N TYR D 62 -0.07 -11.01 13.50
CA TYR D 62 -0.06 -10.50 12.15
C TYR D 62 -0.19 -11.62 11.17
N ILE D 63 -0.80 -11.40 10.01
CA ILE D 63 -0.85 -12.48 9.02
C ILE D 63 0.64 -12.99 8.82
N PRO D 64 0.96 -14.29 8.73
CA PRO D 64 2.38 -14.70 8.54
C PRO D 64 2.97 -14.24 7.20
N ALA D 65 4.28 -14.06 7.13
CA ALA D 65 5.01 -13.61 5.94
C ALA D 65 4.70 -14.48 4.71
N GLU D 66 4.51 -15.79 4.94
CA GLU D 66 4.19 -16.83 3.96
C GLU D 66 2.84 -16.60 3.31
N GLN D 67 1.92 -15.75 3.92
CA GLN D 67 0.60 -15.50 3.35
C GLN D 67 0.36 -14.03 3.03
N ILE D 68 1.31 -13.12 3.32
CA ILE D 68 1.10 -11.68 3.11
C ILE D 68 0.83 -11.32 1.62
N GLU D 69 1.52 -11.96 0.67
CA GLU D 69 1.29 -11.63 -0.74
C GLU D 69 -0.14 -11.96 -1.14
N ALA D 70 -0.61 -13.18 -0.80
CA ALA D 70 -1.97 -13.66 -1.08
C ALA D 70 -3.04 -12.82 -0.33
N THR D 71 -2.71 -12.32 0.88
CA THR D 71 -3.61 -11.47 1.71
C THR D 71 -3.77 -10.08 1.04
N ALA D 72 -2.64 -9.50 0.57
CA ALA D 72 -2.62 -8.19 -0.11
C ALA D 72 -3.50 -8.20 -1.40
N GLU D 73 -3.60 -9.35 -2.12
CA GLU D 73 -4.49 -9.47 -3.29
C GLU D 73 -5.96 -9.33 -2.84
N VAL D 74 -6.35 -9.98 -1.74
CA VAL D 74 -7.70 -9.93 -1.17
C VAL D 74 -8.02 -8.49 -0.74
N LEU D 75 -7.04 -7.84 -0.08
CA LEU D 75 -7.21 -6.46 0.37
C LEU D 75 -7.34 -5.51 -0.83
N ARG D 76 -6.54 -5.73 -1.92
CA ARG D 76 -6.59 -4.90 -3.13
C ARG D 76 -7.90 -5.13 -3.89
N TRP D 77 -8.44 -6.36 -3.89
CA TRP D 77 -9.73 -6.74 -4.48
C TRP D 77 -10.87 -5.98 -3.79
N LEU D 78 -10.82 -5.96 -2.44
CA LEU D 78 -11.83 -5.30 -1.63
C LEU D 78 -11.84 -3.81 -1.88
N GLU D 79 -10.65 -3.18 -2.02
CA GLU D 79 -10.53 -1.76 -2.32
C GLU D 79 -11.10 -1.46 -3.76
N ARG D 80 -10.79 -2.31 -4.76
CA ARG D 80 -11.31 -2.19 -6.14
C ARG D 80 -12.86 -2.30 -6.14
N GLN D 81 -13.42 -3.24 -5.39
CA GLN D 81 -14.86 -3.43 -5.29
C GLN D 81 -15.51 -2.18 -4.65
N ASN D 82 -14.89 -1.63 -3.58
CA ASN D 82 -15.37 -0.42 -2.88
C ASN D 82 -15.43 0.80 -3.79
N ILE D 83 -14.32 1.11 -4.52
CA ILE D 83 -14.23 2.25 -5.42
C ILE D 83 -15.29 2.09 -6.56
N GLU D 84 -15.45 0.86 -7.11
CA GLU D 84 -16.40 0.54 -8.20
C GLU D 84 -17.86 0.59 -7.74
N LYS D 85 -18.15 0.17 -6.49
CA LYS D 85 -19.50 0.19 -5.89
C LYS D 85 -19.99 1.65 -5.76
N GLN D 86 -19.05 2.64 -5.66
CA GLN D 86 -19.37 4.06 -5.56
C GLN D 86 -19.95 4.62 -6.88
N HIS D 87 -21.29 4.70 -6.88
CA HIS D 87 -22.08 5.22 -7.98
C HIS D 87 -22.73 6.55 -7.53
N SER D 88 -21.96 7.67 -7.61
CA SER D 88 -22.44 9.03 -7.27
C SER D 88 -22.73 9.77 -8.62
N GLU D 89 -23.97 10.24 -8.75
CA GLU D 89 -24.67 10.61 -9.97
C GLU D 89 -25.23 12.06 -10.13
N MET D 90 -24.37 13.06 -10.34
CA MET D 90 -24.85 14.43 -10.57
C MET D 90 -24.26 15.03 -11.84
#